data_2DDG
#
_entry.id   2DDG
#
_cell.length_a   68.927
_cell.length_b   150.174
_cell.length_c   93.408
_cell.angle_alpha   90.00
_cell.angle_beta   90.00
_cell.angle_gamma   90.00
#
_symmetry.space_group_name_H-M   'C 2 2 21'
#
loop_
_entity.id
_entity.type
_entity.pdbx_description
1 polymer "5'-D(*AP*TP*GP*TP*TP*GP*CP*(D1P)P*TP*TP*AP*GP*TP*CP*C)-3'"
2 polymer "5'-D(*GP*GP*AP*CP*TP*AP*AP*GP*GP*CP*AP*AP*CP*A)-3'"
3 polymer 'uracil-DNA glycosylase'
4 non-polymer 'ACETATE ION'
5 non-polymer 'DIHYDROGENPHOSPHATE ION'
6 non-polymer 'IRON/SULFUR CLUSTER'
7 non-polymer GLYCEROL
8 non-polymer ETHANOL
9 water water
#
loop_
_entity_poly.entity_id
_entity_poly.type
_entity_poly.pdbx_seq_one_letter_code
_entity_poly.pdbx_strand_id
1 'polydeoxyribonucleotide' (DA)(DT)(DG)(DT)(DT)(DG)(DC)(ORP)(DT)(DT)(DA)(DG)(DT)(DC)(DC) C
2 'polydeoxyribonucleotide' (DG)(DG)(DA)(DC)(DT)(DA)(DA)(DG)(DG)(DC)(DA)(DA)(DC)(DA) D
3 'polypeptide(L)'
;MDREAFVQTLTACRLCPRLVAWREEVVGRKRAFRGEPYWARPVPGFGDPEARILLFGLAPGAHGSNRTGRPFTGDASGAF
LYPLLHEAGLSSKPESLPGDDLRLYGVYLTAAVRCAPPKNKPTPEELRACARWTEVELGLLPEVRVYVALGRIALEALLA
HFGLRKSAHPFRHGAHYPLPGGRHLLASYHVSRQNTQTGRLTREMFLEVLMEAKRLAGL
;
A
#
# COMPACT_ATOMS: atom_id res chain seq x y z
N MET C 1 -2.04 -20.51 -4.03
CA MET C 1 -1.78 -20.79 -2.59
C MET C 1 -2.74 -20.00 -1.71
N ASP C 2 -2.85 -20.37 -0.44
CA ASP C 2 -3.74 -19.64 0.48
C ASP C 2 -2.92 -18.57 1.17
N ARG C 3 -3.55 -17.80 2.06
CA ARG C 3 -2.83 -16.72 2.73
C ARG C 3 -1.69 -17.14 3.65
N GLU C 4 -1.84 -18.25 4.35
CA GLU C 4 -0.76 -18.68 5.23
C GLU C 4 0.48 -18.97 4.40
N ALA C 5 0.28 -19.60 3.25
CA ALA C 5 1.37 -19.94 2.35
C ALA C 5 2.00 -18.68 1.76
N PHE C 6 1.14 -17.70 1.47
CA PHE C 6 1.58 -16.44 0.92
C PHE C 6 2.52 -15.73 1.89
N VAL C 7 2.04 -15.48 3.09
CA VAL C 7 2.83 -14.81 4.11
C VAL C 7 4.12 -15.56 4.41
N GLN C 8 4.04 -16.88 4.45
CA GLN C 8 5.19 -17.73 4.73
C GLN C 8 6.29 -17.56 3.68
N THR C 9 5.93 -17.72 2.40
CA THR C 9 6.91 -17.58 1.33
C THR C 9 7.33 -16.14 1.04
N LEU C 10 6.42 -15.18 1.20
CA LEU C 10 6.76 -13.78 0.97
C LEU C 10 7.83 -13.28 1.94
N THR C 11 7.66 -13.58 3.22
CA THR C 11 8.58 -13.13 4.24
C THR C 11 10.01 -13.67 4.14
N ALA C 12 10.19 -14.75 3.39
CA ALA C 12 11.52 -15.34 3.23
C ALA C 12 12.14 -14.92 1.90
N CYS C 13 11.41 -14.11 1.13
CA CYS C 13 11.88 -13.66 -0.17
C CYS C 13 13.14 -12.78 -0.08
N ARG C 14 14.06 -12.97 -1.01
CA ARG C 14 15.31 -12.20 -1.04
C ARG C 14 15.75 -11.97 -2.49
N LEU C 15 14.80 -11.80 -3.39
CA LEU C 15 15.10 -11.60 -4.81
C LEU C 15 15.80 -10.29 -5.17
N CYS C 16 15.60 -9.25 -4.37
CA CYS C 16 16.21 -7.97 -4.65
C CYS C 16 17.35 -7.72 -3.66
N PRO C 17 18.60 -7.95 -4.10
CA PRO C 17 19.75 -7.75 -3.22
C PRO C 17 19.88 -6.34 -2.64
N ARG C 18 19.60 -5.31 -3.44
CA ARG C 18 19.71 -3.94 -2.93
C ARG C 18 18.70 -3.70 -1.80
N LEU C 19 17.51 -4.27 -1.93
CA LEU C 19 16.47 -4.09 -0.91
C LEU C 19 16.67 -4.98 0.32
N VAL C 20 17.17 -6.19 0.10
CA VAL C 20 17.42 -7.10 1.22
C VAL C 20 18.45 -6.46 2.16
N ALA C 21 19.37 -5.69 1.58
CA ALA C 21 20.40 -5.03 2.35
C ALA C 21 19.88 -3.75 3.00
N TRP C 22 19.16 -2.95 2.22
CA TRP C 22 18.63 -1.70 2.73
C TRP C 22 17.66 -1.85 3.90
N ARG C 23 16.75 -2.82 3.80
CA ARG C 23 15.75 -3.03 4.84
C ARG C 23 16.37 -3.29 6.21
N GLU C 24 17.61 -3.77 6.24
CA GLU C 24 18.30 -4.02 7.51
C GLU C 24 19.27 -2.87 7.82
N GLU C 25 19.83 -2.29 6.77
CA GLU C 25 20.77 -1.19 6.90
C GLU C 25 20.17 0.02 7.63
N VAL C 26 18.88 0.26 7.43
CA VAL C 26 18.23 1.41 8.06
C VAL C 26 17.87 1.19 9.54
N VAL C 27 17.97 -0.05 10.00
CA VAL C 27 17.65 -0.32 11.39
C VAL C 27 18.59 0.41 12.35
N GLY C 28 18.03 1.30 13.16
CA GLY C 28 18.84 2.05 14.11
C GLY C 28 19.29 3.39 13.58
N ARG C 29 18.99 3.68 12.31
CA ARG C 29 19.39 4.96 11.73
C ARG C 29 18.52 6.14 12.15
N LYS C 30 17.31 5.87 12.65
CA LYS C 30 16.45 6.95 13.10
C LYS C 30 16.48 7.01 14.64
N ARG C 31 16.94 8.15 15.15
CA ARG C 31 17.07 8.38 16.58
C ARG C 31 15.88 7.96 17.44
N ALA C 32 14.68 8.37 17.06
CA ALA C 32 13.50 8.05 17.84
C ALA C 32 13.29 6.56 18.09
N PHE C 33 13.83 5.72 17.20
CA PHE C 33 13.63 4.27 17.33
C PHE C 33 14.88 3.41 17.55
N ARG C 34 16.05 4.02 17.77
CA ARG C 34 17.24 3.21 17.97
C ARG C 34 17.09 2.29 19.18
N GLY C 35 17.56 1.06 19.03
CA GLY C 35 17.47 0.10 20.13
C GLY C 35 16.19 -0.70 20.12
N GLU C 36 15.26 -0.34 19.26
CA GLU C 36 13.98 -1.05 19.19
C GLU C 36 14.00 -2.10 18.09
N PRO C 37 13.17 -3.16 18.23
CA PRO C 37 13.15 -4.18 17.20
C PRO C 37 12.52 -3.66 15.90
N TYR C 38 13.07 -4.11 14.78
CA TYR C 38 12.58 -3.75 13.45
C TYR C 38 12.18 -5.02 12.69
N TRP C 39 11.03 -4.98 12.01
CA TRP C 39 10.58 -6.11 11.21
C TRP C 39 11.67 -6.42 10.17
N ALA C 40 12.11 -5.39 9.46
CA ALA C 40 13.16 -5.52 8.45
C ALA C 40 13.02 -6.76 7.56
N ARG C 41 11.82 -6.96 7.04
CA ARG C 41 11.53 -8.10 6.17
C ARG C 41 10.44 -7.69 5.20
N PRO C 42 10.11 -8.54 4.23
CA PRO C 42 9.05 -8.19 3.28
C PRO C 42 7.78 -7.90 4.08
N VAL C 43 6.98 -6.94 3.66
CA VAL C 43 5.76 -6.61 4.39
C VAL C 43 4.51 -7.23 3.73
N PRO C 44 3.78 -8.08 4.47
CA PRO C 44 2.57 -8.69 3.91
C PRO C 44 1.44 -7.65 3.98
N GLY C 45 0.44 -7.78 3.11
CA GLY C 45 -0.66 -6.85 3.13
C GLY C 45 -1.46 -6.99 4.41
N PHE C 46 -2.35 -6.03 4.68
CA PHE C 46 -3.15 -6.06 5.89
C PHE C 46 -4.57 -5.61 5.62
N GLY C 47 -5.54 -6.29 6.22
CA GLY C 47 -6.91 -5.88 6.00
C GLY C 47 -7.92 -6.99 5.80
N ASP C 48 -9.07 -6.59 5.28
CA ASP C 48 -10.19 -7.47 5.03
C ASP C 48 -9.96 -8.39 3.84
N PRO C 49 -9.82 -9.70 4.08
CA PRO C 49 -9.59 -10.59 2.93
C PRO C 49 -10.77 -10.57 1.95
N GLU C 50 -11.90 -10.04 2.38
CA GLU C 50 -13.10 -9.94 1.54
C GLU C 50 -13.32 -8.50 1.06
N ALA C 51 -12.28 -7.68 1.12
CA ALA C 51 -12.35 -6.28 0.71
C ALA C 51 -12.84 -6.02 -0.71
N ARG C 52 -13.60 -4.94 -0.87
CA ARG C 52 -14.09 -4.52 -2.18
C ARG C 52 -13.20 -3.40 -2.65
N ILE C 53 -12.43 -2.84 -1.72
CA ILE C 53 -11.52 -1.75 -2.03
C ILE C 53 -10.08 -2.11 -1.69
N LEU C 54 -9.18 -1.88 -2.63
CA LEU C 54 -7.78 -2.16 -2.41
C LEU C 54 -7.00 -0.84 -2.54
N LEU C 55 -6.26 -0.49 -1.49
CA LEU C 55 -5.43 0.72 -1.51
C LEU C 55 -4.03 0.20 -1.79
N PHE C 56 -3.46 0.63 -2.90
CA PHE C 56 -2.16 0.17 -3.36
C PHE C 56 -1.06 1.23 -3.25
N GLY C 57 -0.15 1.03 -2.30
CA GLY C 57 0.92 1.99 -2.09
C GLY C 57 2.16 1.77 -2.92
N LEU C 58 3.23 2.47 -2.54
CA LEU C 58 4.50 2.40 -3.25
C LEU C 58 5.44 1.33 -2.73
N ALA C 59 5.87 1.47 -1.47
CA ALA C 59 6.78 0.50 -0.86
C ALA C 59 6.87 0.78 0.65
N PRO C 60 7.57 -0.09 1.39
CA PRO C 60 7.68 0.13 2.84
C PRO C 60 8.55 1.35 3.15
N GLY C 61 8.18 2.10 4.18
CA GLY C 61 8.96 3.24 4.59
C GLY C 61 10.03 2.63 5.49
N ALA C 62 11.24 3.18 5.46
CA ALA C 62 12.34 2.64 6.27
C ALA C 62 11.99 2.46 7.75
N HIS C 63 11.28 3.43 8.32
CA HIS C 63 10.91 3.37 9.72
C HIS C 63 9.40 3.28 9.93
N GLY C 64 8.70 2.89 8.86
CA GLY C 64 7.26 2.72 8.91
C GLY C 64 6.97 1.23 8.98
N SER C 65 6.44 0.67 7.89
CA SER C 65 6.14 -0.75 7.87
C SER C 65 7.39 -1.62 7.97
N ASN C 66 8.54 -1.11 7.53
CA ASN C 66 9.78 -1.87 7.63
C ASN C 66 10.16 -2.05 9.09
N ARG C 67 9.61 -1.20 9.96
CA ARG C 67 9.89 -1.26 11.39
C ARG C 67 8.80 -2.05 12.12
N THR C 68 7.54 -1.68 11.91
CA THR C 68 6.41 -2.32 12.57
C THR C 68 5.93 -3.62 11.96
N GLY C 69 6.11 -3.80 10.66
CA GLY C 69 5.66 -5.03 10.02
C GLY C 69 4.25 -4.94 9.45
N ARG C 70 3.61 -3.78 9.59
CA ARG C 70 2.26 -3.60 9.07
C ARG C 70 2.21 -2.38 8.16
N PRO C 71 1.59 -2.53 6.97
CA PRO C 71 1.48 -1.43 6.01
C PRO C 71 1.07 -0.10 6.65
N PHE C 72 1.73 0.97 6.21
CA PHE C 72 1.46 2.32 6.69
C PHE C 72 1.41 2.47 8.22
N THR C 73 2.03 1.56 8.96
CA THR C 73 2.00 1.66 10.41
C THR C 73 3.32 2.15 11.01
N GLY C 74 3.24 3.19 11.83
CA GLY C 74 4.44 3.73 12.47
C GLY C 74 5.12 4.93 11.84
N ASP C 75 4.49 5.56 10.85
CA ASP C 75 5.08 6.74 10.21
C ASP C 75 4.02 7.79 9.86
N ALA C 76 4.46 8.89 9.25
CA ALA C 76 3.57 9.99 8.87
C ALA C 76 2.46 9.60 7.90
N SER C 77 2.74 8.64 7.02
CA SER C 77 1.72 8.21 6.06
C SER C 77 0.54 7.58 6.80
N GLY C 78 0.85 6.71 7.76
CA GLY C 78 -0.21 6.07 8.52
C GLY C 78 -0.94 7.02 9.45
N ALA C 79 -0.23 8.01 9.98
CA ALA C 79 -0.83 8.99 10.88
C ALA C 79 -1.86 9.81 10.11
N PHE C 80 -1.70 9.87 8.80
CA PHE C 80 -2.62 10.59 7.94
C PHE C 80 -3.73 9.64 7.47
N LEU C 81 -3.34 8.49 6.93
CA LEU C 81 -4.28 7.50 6.40
C LEU C 81 -5.26 6.81 7.35
N TYR C 82 -4.76 6.23 8.43
CA TYR C 82 -5.64 5.50 9.33
C TYR C 82 -6.82 6.27 9.92
N PRO C 83 -6.60 7.51 10.38
CA PRO C 83 -7.75 8.23 10.93
C PRO C 83 -8.82 8.46 9.85
N LEU C 84 -8.38 8.72 8.62
CA LEU C 84 -9.33 8.95 7.53
C LEU C 84 -10.11 7.67 7.19
N LEU C 85 -9.45 6.51 7.28
CA LEU C 85 -10.13 5.25 7.03
C LEU C 85 -11.27 5.11 8.04
N HIS C 86 -11.00 5.46 9.30
CA HIS C 86 -12.03 5.37 10.33
C HIS C 86 -13.13 6.41 10.11
N GLU C 87 -12.74 7.63 9.74
CA GLU C 87 -13.71 8.70 9.50
C GLU C 87 -14.65 8.32 8.37
N ALA C 88 -14.17 7.51 7.43
CA ALA C 88 -14.97 7.07 6.29
C ALA C 88 -15.77 5.80 6.61
N GLY C 89 -15.65 5.31 7.84
CA GLY C 89 -16.36 4.11 8.23
C GLY C 89 -15.72 2.83 7.69
N LEU C 90 -14.41 2.84 7.51
CA LEU C 90 -13.74 1.66 6.95
C LEU C 90 -12.80 0.92 7.89
N SER C 91 -12.90 1.18 9.18
CA SER C 91 -12.03 0.52 10.15
C SER C 91 -12.58 0.60 11.58
N SER C 92 -12.08 -0.29 12.44
CA SER C 92 -12.53 -0.38 13.84
C SER C 92 -12.11 0.77 14.74
N LYS C 93 -10.97 1.39 14.46
CA LYS C 93 -10.50 2.51 15.27
C LYS C 93 -9.53 3.39 14.47
N PRO C 94 -9.34 4.64 14.89
CA PRO C 94 -8.45 5.60 14.22
C PRO C 94 -6.97 5.26 14.10
N GLU C 95 -6.39 4.64 15.13
CA GLU C 95 -4.97 4.34 15.09
C GLU C 95 -4.62 2.89 14.75
N SER C 96 -3.41 2.71 14.24
CA SER C 96 -2.91 1.40 13.89
C SER C 96 -1.62 1.17 14.67
N LEU C 97 -1.65 0.21 15.58
CA LEU C 97 -0.49 -0.10 16.40
C LEU C 97 -0.13 -1.55 16.17
N PRO C 98 1.15 -1.85 15.94
CA PRO C 98 1.53 -3.24 15.72
C PRO C 98 1.06 -4.12 16.89
N GLY C 99 0.46 -5.26 16.56
CA GLY C 99 -0.01 -6.16 17.60
C GLY C 99 -1.37 -5.78 18.19
N ASP C 100 -2.00 -4.73 17.69
CA ASP C 100 -3.30 -4.34 18.21
C ASP C 100 -4.45 -5.12 17.55
N ASP C 101 -5.68 -4.77 17.89
CA ASP C 101 -6.84 -5.47 17.35
C ASP C 101 -7.54 -4.71 16.22
N LEU C 102 -6.81 -3.86 15.52
CA LEU C 102 -7.39 -3.08 14.43
C LEU C 102 -7.99 -3.96 13.34
N ARG C 103 -9.20 -3.62 12.92
CA ARG C 103 -9.87 -4.36 11.85
C ARG C 103 -10.26 -3.38 10.75
N LEU C 104 -10.07 -3.78 9.50
CA LEU C 104 -10.45 -2.93 8.37
C LEU C 104 -11.72 -3.53 7.77
N TYR C 105 -12.66 -2.66 7.39
CA TYR C 105 -13.92 -3.14 6.84
C TYR C 105 -14.10 -2.85 5.35
N GLY C 106 -13.95 -3.88 4.53
CA GLY C 106 -14.10 -3.75 3.09
C GLY C 106 -12.87 -3.21 2.40
N VAL C 107 -11.79 -3.05 3.16
CA VAL C 107 -10.56 -2.49 2.61
C VAL C 107 -9.34 -3.34 2.94
N TYR C 108 -8.40 -3.40 2.01
CA TYR C 108 -7.16 -4.15 2.19
C TYR C 108 -6.02 -3.25 1.72
N LEU C 109 -4.89 -3.32 2.41
CA LEU C 109 -3.74 -2.47 2.09
C LEU C 109 -2.48 -3.25 1.77
N THR C 110 -1.78 -2.83 0.72
CA THR C 110 -0.54 -3.45 0.31
C THR C 110 0.19 -2.46 -0.59
N ALA C 111 1.24 -2.89 -1.27
CA ALA C 111 2.00 -1.98 -2.13
C ALA C 111 2.72 -2.67 -3.30
N ALA C 112 3.20 -1.86 -4.22
CA ALA C 112 3.90 -2.35 -5.42
C ALA C 112 5.17 -3.13 -5.11
N VAL C 113 5.94 -2.63 -4.15
CA VAL C 113 7.19 -3.26 -3.72
C VAL C 113 7.01 -3.53 -2.24
N ARG C 114 7.55 -4.64 -1.75
CA ARG C 114 7.32 -4.99 -0.36
C ARG C 114 8.50 -4.92 0.61
N CYS C 115 9.62 -4.39 0.15
CA CYS C 115 10.82 -4.22 0.97
C CYS C 115 11.27 -2.77 0.83
N ALA C 116 11.65 -2.17 1.95
CA ALA C 116 12.10 -0.78 1.97
C ALA C 116 13.18 -0.47 0.92
N PRO C 117 12.90 0.47 0.00
CA PRO C 117 13.90 0.80 -1.01
C PRO C 117 14.60 2.14 -0.76
N PRO C 118 15.90 2.22 -1.14
CA PRO C 118 16.61 3.49 -0.94
C PRO C 118 15.89 4.65 -1.62
N LYS C 119 15.79 5.78 -0.92
CA LYS C 119 15.14 6.97 -1.45
C LYS C 119 13.68 6.75 -1.81
N ASN C 120 13.06 5.69 -1.31
CA ASN C 120 11.67 5.39 -1.62
C ASN C 120 11.52 5.28 -3.13
N LYS C 121 12.57 4.76 -3.78
CA LYS C 121 12.56 4.63 -5.23
C LYS C 121 13.06 3.27 -5.69
N PRO C 122 12.15 2.32 -5.91
CA PRO C 122 12.60 1.01 -6.36
C PRO C 122 12.98 1.11 -7.85
N THR C 123 13.86 0.24 -8.30
CA THR C 123 14.29 0.26 -9.71
C THR C 123 13.26 -0.48 -10.56
N PRO C 124 13.29 -0.27 -11.88
CA PRO C 124 12.32 -0.96 -12.73
C PRO C 124 12.42 -2.48 -12.52
N GLU C 125 13.63 -2.96 -12.27
CA GLU C 125 13.84 -4.39 -12.07
C GLU C 125 13.27 -4.90 -10.75
N GLU C 126 13.36 -4.09 -9.69
CA GLU C 126 12.83 -4.50 -8.40
C GLU C 126 11.30 -4.52 -8.49
N LEU C 127 10.74 -3.62 -9.30
CA LEU C 127 9.30 -3.56 -9.48
C LEU C 127 8.84 -4.82 -10.22
N ARG C 128 9.60 -5.25 -11.22
CA ARG C 128 9.28 -6.45 -11.98
C ARG C 128 9.33 -7.69 -11.11
N ALA C 129 10.29 -7.74 -10.20
CA ALA C 129 10.44 -8.87 -9.32
C ALA C 129 9.28 -8.99 -8.35
N CYS C 130 8.97 -7.91 -7.64
CA CYS C 130 7.90 -7.95 -6.66
C CYS C 130 6.51 -8.03 -7.29
N ALA C 131 6.42 -7.74 -8.59
CA ALA C 131 5.14 -7.80 -9.29
C ALA C 131 4.59 -9.22 -9.23
N ARG C 132 5.46 -10.19 -9.03
CA ARG C 132 5.03 -11.59 -8.93
C ARG C 132 4.23 -11.77 -7.65
N TRP C 133 4.58 -11.03 -6.61
CA TRP C 133 3.87 -11.12 -5.34
C TRP C 133 2.54 -10.38 -5.44
N THR C 134 2.49 -9.34 -6.27
CA THR C 134 1.26 -8.59 -6.46
C THR C 134 0.24 -9.52 -7.12
N GLU C 135 0.73 -10.41 -7.98
CA GLU C 135 -0.15 -11.36 -8.67
C GLU C 135 -0.74 -12.31 -7.64
N VAL C 136 0.11 -12.81 -6.74
CA VAL C 136 -0.35 -13.73 -5.72
C VAL C 136 -1.29 -13.05 -4.73
N GLU C 137 -0.89 -11.89 -4.22
CA GLU C 137 -1.69 -11.19 -3.24
C GLU C 137 -3.05 -10.76 -3.79
N LEU C 138 -3.06 -10.09 -4.94
CA LEU C 138 -4.34 -9.65 -5.50
C LEU C 138 -5.16 -10.88 -5.88
N GLY C 139 -4.47 -11.99 -6.14
CA GLY C 139 -5.15 -13.22 -6.49
C GLY C 139 -5.93 -13.72 -5.29
N LEU C 140 -5.52 -13.31 -4.09
CA LEU C 140 -6.18 -13.72 -2.85
C LEU C 140 -7.24 -12.72 -2.40
N LEU C 141 -7.51 -11.72 -3.23
CA LEU C 141 -8.51 -10.71 -2.91
C LEU C 141 -9.59 -10.73 -3.99
N PRO C 142 -10.44 -11.78 -3.97
CA PRO C 142 -11.52 -12.02 -4.93
C PRO C 142 -12.65 -11.00 -5.01
N GLU C 143 -12.92 -10.28 -3.92
CA GLU C 143 -14.02 -9.32 -3.94
C GLU C 143 -13.67 -7.88 -4.31
N VAL C 144 -12.40 -7.58 -4.57
CA VAL C 144 -12.06 -6.21 -4.90
C VAL C 144 -12.74 -5.70 -6.17
N ARG C 145 -13.38 -4.55 -6.05
CA ARG C 145 -14.07 -3.92 -7.17
C ARG C 145 -13.39 -2.61 -7.53
N VAL C 146 -12.73 -2.01 -6.55
CA VAL C 146 -12.04 -0.75 -6.79
C VAL C 146 -10.58 -0.81 -6.34
N TYR C 147 -9.68 -0.57 -7.30
CA TYR C 147 -8.25 -0.57 -7.01
C TYR C 147 -7.80 0.89 -6.97
N VAL C 148 -7.29 1.32 -5.83
CA VAL C 148 -6.84 2.68 -5.70
C VAL C 148 -5.33 2.77 -5.68
N ALA C 149 -4.77 3.38 -6.72
CA ALA C 149 -3.32 3.56 -6.80
C ALA C 149 -2.92 4.80 -6.03
N LEU C 150 -2.04 4.63 -5.05
CA LEU C 150 -1.56 5.75 -4.26
C LEU C 150 -0.23 6.23 -4.87
N GLY C 151 -0.33 7.19 -5.78
CA GLY C 151 0.86 7.72 -6.43
C GLY C 151 1.13 7.16 -7.81
N ARG C 152 2.04 7.82 -8.51
CA ARG C 152 2.44 7.45 -9.86
C ARG C 152 3.00 6.03 -9.98
N ILE C 153 3.92 5.68 -9.09
CA ILE C 153 4.53 4.35 -9.14
C ILE C 153 3.48 3.26 -8.96
N ALA C 154 2.57 3.47 -8.02
CA ALA C 154 1.52 2.50 -7.74
C ALA C 154 0.61 2.32 -8.97
N LEU C 155 0.24 3.42 -9.61
CA LEU C 155 -0.62 3.34 -10.79
C LEU C 155 0.05 2.54 -11.92
N GLU C 156 1.27 2.92 -12.26
CA GLU C 156 1.99 2.22 -13.31
C GLU C 156 2.09 0.73 -13.01
N ALA C 157 2.24 0.39 -11.73
CA ALA C 157 2.33 -1.01 -11.32
C ALA C 157 1.01 -1.72 -11.58
N LEU C 158 -0.10 -1.05 -11.26
CA LEU C 158 -1.42 -1.64 -11.47
C LEU C 158 -1.72 -1.74 -12.98
N LEU C 159 -1.26 -0.75 -13.74
CA LEU C 159 -1.48 -0.76 -15.18
C LEU C 159 -0.80 -2.00 -15.75
N ALA C 160 0.44 -2.24 -15.33
CA ALA C 160 1.17 -3.41 -15.78
C ALA C 160 0.38 -4.67 -15.39
N HIS C 161 -0.12 -4.69 -14.16
CA HIS C 161 -0.90 -5.82 -13.67
C HIS C 161 -2.10 -6.11 -14.57
N PHE C 162 -2.84 -5.07 -14.92
CA PHE C 162 -4.03 -5.21 -15.76
C PHE C 162 -3.73 -5.16 -17.26
N GLY C 163 -2.45 -5.15 -17.62
CA GLY C 163 -2.09 -5.09 -19.03
C GLY C 163 -2.64 -3.88 -19.74
N LEU C 164 -2.59 -2.72 -19.09
CA LEU C 164 -3.09 -1.49 -19.68
C LEU C 164 -1.95 -0.57 -20.11
N ARG C 165 -2.21 0.29 -21.09
CA ARG C 165 -1.20 1.19 -21.63
C ARG C 165 -1.12 2.52 -20.89
N LYS C 166 0.10 2.95 -20.59
CA LYS C 166 0.33 4.20 -19.88
C LYS C 166 -0.23 5.38 -20.65
N SER C 167 -0.03 5.38 -21.96
CA SER C 167 -0.50 6.48 -22.81
C SER C 167 -2.00 6.74 -22.66
N ALA C 168 -2.78 5.68 -22.52
CA ALA C 168 -4.23 5.82 -22.38
C ALA C 168 -4.67 6.03 -20.94
N HIS C 169 -3.76 5.84 -19.99
CA HIS C 169 -4.10 6.01 -18.59
C HIS C 169 -3.05 6.83 -17.85
N PRO C 170 -3.05 8.15 -18.07
CA PRO C 170 -2.09 9.03 -17.40
C PRO C 170 -2.36 9.14 -15.92
N PHE C 171 -1.33 9.47 -15.15
CA PHE C 171 -1.51 9.62 -13.72
C PHE C 171 -1.90 11.05 -13.34
N ARG C 172 -3.06 11.18 -12.72
CA ARG C 172 -3.53 12.47 -12.25
C ARG C 172 -4.47 12.19 -11.09
N HIS C 173 -4.36 13.00 -10.05
CA HIS C 173 -5.22 12.82 -8.90
C HIS C 173 -6.67 12.91 -9.33
N GLY C 174 -7.48 11.93 -8.91
CA GLY C 174 -8.88 11.94 -9.27
C GLY C 174 -9.22 11.12 -10.51
N ALA C 175 -8.21 10.74 -11.26
CA ALA C 175 -8.44 9.95 -12.47
C ALA C 175 -9.18 8.66 -12.12
N HIS C 176 -10.10 8.28 -12.99
CA HIS C 176 -10.87 7.06 -12.82
C HIS C 176 -10.97 6.34 -14.16
N TYR C 177 -10.53 5.09 -14.18
CA TYR C 177 -10.57 4.30 -15.41
C TYR C 177 -11.34 3.01 -15.20
N PRO C 178 -12.03 2.55 -16.24
CA PRO C 178 -12.82 1.31 -16.17
C PRO C 178 -11.95 0.07 -16.30
N LEU C 179 -12.36 -1.01 -15.63
CA LEU C 179 -11.65 -2.27 -15.70
C LEU C 179 -12.67 -3.36 -16.04
N PRO C 180 -12.21 -4.49 -16.58
CA PRO C 180 -13.09 -5.61 -16.96
C PRO C 180 -13.98 -6.06 -15.80
N GLY C 181 -15.23 -6.40 -16.11
CA GLY C 181 -16.15 -6.86 -15.09
C GLY C 181 -16.78 -5.75 -14.26
N GLY C 182 -16.89 -4.56 -14.84
CA GLY C 182 -17.47 -3.45 -14.12
C GLY C 182 -16.64 -2.95 -12.94
N ARG C 183 -15.35 -3.26 -12.93
CA ARG C 183 -14.47 -2.84 -11.84
C ARG C 183 -13.89 -1.45 -12.14
N HIS C 184 -13.16 -0.89 -11.17
CA HIS C 184 -12.61 0.45 -11.36
C HIS C 184 -11.18 0.66 -10.88
N LEU C 185 -10.47 1.55 -11.57
CA LEU C 185 -9.10 1.90 -11.22
C LEU C 185 -9.08 3.40 -10.93
N LEU C 186 -8.79 3.76 -9.69
CA LEU C 186 -8.73 5.16 -9.29
C LEU C 186 -7.30 5.56 -8.93
N ALA C 187 -6.92 6.79 -9.29
CA ALA C 187 -5.59 7.27 -8.98
C ALA C 187 -5.70 8.42 -7.99
N SER C 188 -4.77 8.45 -7.04
CA SER C 188 -4.70 9.48 -6.03
C SER C 188 -3.25 9.81 -5.77
N TYR C 189 -3.01 11.01 -5.27
CA TYR C 189 -1.65 11.38 -4.92
C TYR C 189 -1.33 10.44 -3.77
N HIS C 190 -0.06 10.10 -3.59
CA HIS C 190 0.33 9.22 -2.49
C HIS C 190 0.13 9.95 -1.14
N VAL C 191 -0.05 9.17 -0.08
CA VAL C 191 -0.27 9.72 1.27
C VAL C 191 0.99 10.17 2.00
N SER C 192 2.11 10.17 1.30
CA SER C 192 3.39 10.56 1.87
C SER C 192 3.37 11.92 2.56
N ARG C 193 4.19 12.03 3.61
CA ARG C 193 4.29 13.29 4.35
C ARG C 193 4.67 14.42 3.37
N GLN C 194 5.42 14.05 2.33
CA GLN C 194 5.86 14.99 1.30
C GLN C 194 4.69 15.58 0.53
N ASN C 195 3.56 14.87 0.56
CA ASN C 195 2.37 15.30 -0.16
C ASN C 195 1.35 15.96 0.76
N THR C 196 1.14 15.39 1.94
CA THR C 196 0.13 15.91 2.87
C THR C 196 0.56 17.14 3.65
N GLN C 197 1.82 17.20 4.03
CA GLN C 197 2.34 18.33 4.79
C GLN C 197 2.66 19.51 3.89
N THR C 198 2.86 19.24 2.60
CA THR C 198 3.17 20.29 1.64
C THR C 198 1.91 20.88 1.00
N GLY C 199 0.77 20.24 1.24
CA GLY C 199 -0.47 20.74 0.69
C GLY C 199 -0.89 20.15 -0.65
N ARG C 200 -0.09 19.26 -1.23
CA ARG C 200 -0.50 18.70 -2.52
C ARG C 200 -1.70 17.76 -2.33
N LEU C 201 -1.76 17.09 -1.18
CA LEU C 201 -2.86 16.18 -0.86
C LEU C 201 -3.36 16.54 0.53
N THR C 202 -4.61 16.99 0.62
CA THR C 202 -5.18 17.36 1.92
C THR C 202 -6.07 16.25 2.47
N ARG C 203 -6.40 16.35 3.76
CA ARG C 203 -7.29 15.37 4.38
C ARG C 203 -8.61 15.34 3.63
N GLU C 204 -9.08 16.52 3.24
CA GLU C 204 -10.34 16.63 2.52
C GLU C 204 -10.30 15.89 1.19
N MET C 205 -9.21 16.08 0.44
CA MET C 205 -9.04 15.43 -0.85
C MET C 205 -8.99 13.91 -0.73
N PHE C 206 -8.25 13.40 0.24
CA PHE C 206 -8.15 11.96 0.38
C PHE C 206 -9.42 11.32 0.92
N LEU C 207 -10.10 11.98 1.85
CA LEU C 207 -11.34 11.41 2.36
C LEU C 207 -12.28 11.28 1.17
N GLU C 208 -12.22 12.27 0.28
CA GLU C 208 -13.06 12.28 -0.92
C GLU C 208 -12.75 11.05 -1.77
N VAL C 209 -11.48 10.72 -1.93
CA VAL C 209 -11.11 9.55 -2.71
C VAL C 209 -11.73 8.31 -2.08
N LEU C 210 -11.60 8.20 -0.75
CA LEU C 210 -12.16 7.06 -0.04
C LEU C 210 -13.67 6.96 -0.19
N MET C 211 -14.36 8.09 -0.08
CA MET C 211 -15.82 8.09 -0.23
C MET C 211 -16.21 7.68 -1.65
N GLU C 212 -15.43 8.12 -2.64
CA GLU C 212 -15.70 7.77 -4.03
C GLU C 212 -15.45 6.28 -4.25
N ALA C 213 -14.41 5.75 -3.61
CA ALA C 213 -14.12 4.33 -3.73
C ALA C 213 -15.26 3.52 -3.13
N LYS C 214 -15.82 4.01 -2.02
CA LYS C 214 -16.92 3.31 -1.38
C LYS C 214 -18.13 3.32 -2.32
N ARG C 215 -18.38 4.46 -2.92
CA ARG C 215 -19.51 4.61 -3.84
C ARG C 215 -19.38 3.63 -5.02
N LEU C 216 -18.22 3.65 -5.68
CA LEU C 216 -17.99 2.76 -6.80
C LEU C 216 -17.93 1.28 -6.42
N ALA C 217 -17.69 1.01 -5.14
CA ALA C 217 -17.62 -0.38 -4.67
C ALA C 217 -18.96 -0.89 -4.16
N GLY C 218 -19.97 -0.02 -4.17
CA GLY C 218 -21.28 -0.43 -3.70
C GLY C 218 -21.38 -0.43 -2.19
N LEU C 219 -20.41 0.20 -1.53
CA LEU C 219 -20.41 0.26 -0.08
C LEU C 219 -21.09 1.55 0.38
#